data_5NWB
#
_entry.id   5NWB
#
_cell.length_a   90.950
_cell.length_b   98.270
_cell.length_c   119.220
_cell.angle_alpha   90.00
_cell.angle_beta   90.00
_cell.angle_gamma   90.00
#
_symmetry.space_group_name_H-M   'C 2 2 21'
#
loop_
_entity.id
_entity.type
_entity.pdbx_description
1 polymer Tankyrase-2
2 polymer Tankyrase-2
3 non-polymer 'SULFATE ION'
4 non-polymer 'ZINC ION'
5 non-polymer 2-[4-[2-hydroxyethyl(methyl)amino]phenyl]-3~{H}-quinazolin-4-one
6 non-polymer GLYCEROL
7 water water
#
loop_
_entity_poly.entity_id
_entity_poly.type
_entity_poly.pdbx_seq_one_letter_code
_entity_poly.pdbx_strand_id
1 'polypeptide(L)'
;MHHHHHHSSGVDLGTENLYFQSMLNTSGSGTILIDLSPDDKEFQSVEEEMQSTVREHRDGGHAGGIFNRYNILKIQKVCN
KKLWERYTHRRKEVSEENHNHANERMLFHGSPFVNAIIHKGFDERHAYIGGMFGAGIYFAENSSKSNQYVYGIGGGTGCP
VHKDRSCYICHRQLLFCRVTLGKSFLQFSAM
;
A,B
2 'polypeptide(L)' KMAHSPPGHHSVTGRPSVNGLALAEYVIYRGEQAYPEYLITYQIMRPEG C,D
#
loop_
_chem_comp.id
_chem_comp.type
_chem_comp.name
_chem_comp.formula
9C5 non-polymer 2-[4-[2-hydroxyethyl(methyl)amino]phenyl]-3~{H}-quinazolin-4-one 'C17 H17 N3 O2'
GOL non-polymer GLYCEROL 'C3 H8 O3'
SO4 non-polymer 'SULFATE ION' 'O4 S -2'
ZN non-polymer 'ZINC ION' 'Zn 2'
#
# COMPACT_ATOMS: atom_id res chain seq x y z
N GLY A 30 34.22 -6.19 14.02
CA GLY A 30 34.34 -5.74 15.42
C GLY A 30 33.04 -5.79 16.22
N THR A 31 32.06 -6.58 15.78
CA THR A 31 30.79 -6.67 16.50
C THR A 31 30.84 -7.80 17.53
N ILE A 32 30.42 -7.47 18.75
CA ILE A 32 30.14 -8.49 19.75
CA ILE A 32 30.19 -8.42 19.83
C ILE A 32 28.68 -8.36 20.18
N LEU A 33 28.09 -9.51 20.51
CA LEU A 33 26.71 -9.60 20.95
C LEU A 33 26.68 -10.01 22.41
N ILE A 34 26.01 -9.20 23.23
CA ILE A 34 25.89 -9.46 24.66
C ILE A 34 24.46 -9.87 24.96
N ASP A 35 24.28 -11.05 25.51
CA ASP A 35 22.97 -11.52 25.94
C ASP A 35 22.45 -10.70 27.11
N LEU A 36 21.19 -10.28 27.01
CA LEU A 36 20.50 -9.70 28.14
C LEU A 36 19.77 -10.81 28.89
N SER A 37 19.84 -10.75 30.21
CA SER A 37 19.05 -11.64 31.05
C SER A 37 17.59 -11.23 30.97
N PRO A 38 16.65 -12.21 31.00
CA PRO A 38 15.24 -11.83 31.11
C PRO A 38 14.86 -11.07 32.39
N ASP A 39 15.70 -11.15 33.41
CA ASP A 39 15.53 -10.38 34.65
C ASP A 39 15.96 -8.93 34.54
N ASP A 40 16.64 -8.56 33.46
CA ASP A 40 17.21 -7.23 33.25
C ASP A 40 16.07 -6.33 32.78
N LYS A 41 15.94 -5.16 33.41
CA LYS A 41 14.90 -4.20 33.03
C LYS A 41 15.02 -3.78 31.54
N GLU A 42 16.24 -3.80 31.02
CA GLU A 42 16.47 -3.50 29.61
C GLU A 42 15.88 -4.58 28.69
N PHE A 43 16.05 -5.85 29.04
CA PHE A 43 15.38 -6.95 28.32
C PHE A 43 13.86 -6.71 28.35
N GLN A 44 13.36 -6.43 29.54
CA GLN A 44 11.92 -6.30 29.74
C GLN A 44 11.29 -5.14 28.98
N SER A 45 11.98 -4.01 28.91
CA SER A 45 11.43 -2.86 28.18
C SER A 45 11.46 -3.09 26.67
N VAL A 46 12.49 -3.79 26.17
CA VAL A 46 12.56 -4.16 24.74
C VAL A 46 11.49 -5.17 24.38
N GLU A 47 11.34 -6.23 25.20
CA GLU A 47 10.28 -7.22 24.96
C GLU A 47 8.90 -6.54 24.96
N GLU A 48 8.68 -5.60 25.87
CA GLU A 48 7.37 -4.93 25.95
C GLU A 48 7.08 -4.12 24.68
N GLU A 49 8.10 -3.44 24.15
CA GLU A 49 7.91 -2.71 22.88
C GLU A 49 7.61 -3.68 21.75
N MET A 50 8.32 -4.80 21.72
CA MET A 50 8.06 -5.85 20.73
C MET A 50 6.60 -6.37 20.81
N GLN A 51 6.17 -6.78 22.00
CA GLN A 51 4.86 -7.43 22.15
C GLN A 51 3.71 -6.42 21.96
N SER A 52 3.87 -5.22 22.51
CA SER A 52 2.77 -4.24 22.57
C SER A 52 2.49 -3.56 21.24
N THR A 53 3.39 -3.70 20.26
CA THR A 53 3.21 -3.08 18.95
C THR A 53 2.85 -4.10 17.85
N VAL A 54 2.45 -5.30 18.25
CA VAL A 54 1.80 -6.22 17.33
C VAL A 54 0.41 -5.69 16.95
N ARG A 55 0.08 -5.78 15.66
CA ARG A 55 -1.26 -5.47 15.18
C ARG A 55 -1.69 -6.49 14.13
N GLU A 56 -2.97 -6.44 13.79
CA GLU A 56 -3.49 -7.18 12.65
C GLU A 56 -3.11 -6.45 11.36
N HIS A 57 -2.86 -7.24 10.32
CA HIS A 57 -2.45 -6.73 9.02
C HIS A 57 -3.51 -6.99 7.96
N ARG A 58 -3.56 -6.08 7.00
CA ARG A 58 -4.61 -6.09 5.96
C ARG A 58 -4.52 -7.28 5.03
N ASP A 59 -3.36 -7.95 5.02
CA ASP A 59 -3.19 -9.21 4.27
C ASP A 59 -3.67 -10.49 4.97
N GLY A 60 -4.32 -10.34 6.12
CA GLY A 60 -4.82 -11.48 6.88
C GLY A 60 -3.72 -12.40 7.40
N GLY A 61 -2.48 -11.93 7.43
CA GLY A 61 -1.33 -12.74 7.82
C GLY A 61 -0.52 -13.34 6.70
N HIS A 62 -0.84 -13.01 5.44
CA HIS A 62 -0.16 -13.61 4.29
C HIS A 62 1.37 -13.48 4.34
N ALA A 63 1.86 -12.26 4.58
CA ALA A 63 3.30 -11.99 4.54
C ALA A 63 4.02 -12.46 5.79
N GLY A 64 3.49 -12.13 6.96
CA GLY A 64 4.19 -12.32 8.23
C GLY A 64 3.71 -13.46 9.09
N GLY A 65 2.55 -14.04 8.75
CA GLY A 65 1.96 -15.12 9.53
C GLY A 65 0.80 -14.66 10.38
N ILE A 66 0.11 -15.63 10.97
CA ILE A 66 -1.04 -15.38 11.82
C ILE A 66 -0.65 -15.50 13.29
N PHE A 67 -0.70 -14.39 14.02
CA PHE A 67 -0.28 -14.35 15.42
C PHE A 67 -0.72 -13.05 16.10
N ASN A 68 -0.89 -13.12 17.41
CA ASN A 68 -1.15 -11.95 18.24
C ASN A 68 0.01 -11.58 19.15
N ARG A 69 0.98 -12.47 19.28
CA ARG A 69 2.11 -12.24 20.19
C ARG A 69 3.27 -13.15 19.80
N TYR A 70 4.42 -12.89 20.42
CA TYR A 70 5.64 -13.64 20.16
C TYR A 70 6.10 -14.42 21.38
N ASN A 71 6.89 -15.45 21.09
CA ASN A 71 7.72 -16.11 22.10
C ASN A 71 9.12 -15.54 21.92
N ILE A 72 9.56 -14.69 22.84
CA ILE A 72 10.89 -14.10 22.78
C ILE A 72 11.88 -15.12 23.33
N LEU A 73 12.85 -15.48 22.50
CA LEU A 73 13.85 -16.48 22.85
C LEU A 73 15.14 -15.83 23.38
N LYS A 74 15.52 -14.70 22.80
CA LYS A 74 16.77 -14.04 23.17
C LYS A 74 16.74 -12.58 22.75
N ILE A 75 17.33 -11.72 23.58
CA ILE A 75 17.59 -10.33 23.22
C ILE A 75 19.07 -10.08 23.48
N GLN A 76 19.77 -9.66 22.43
CA GLN A 76 21.19 -9.34 22.49
C GLN A 76 21.46 -7.88 22.17
N LYS A 77 22.32 -7.26 22.96
CA LYS A 77 22.84 -5.92 22.67
CA LYS A 77 22.84 -5.93 22.69
C LYS A 77 23.93 -6.05 21.62
N VAL A 78 23.87 -5.21 20.60
CA VAL A 78 24.84 -5.22 19.51
C VAL A 78 25.88 -4.14 19.81
N CYS A 79 27.14 -4.55 19.96
CA CYS A 79 28.22 -3.64 20.34
CA CYS A 79 28.23 -3.65 20.36
C CYS A 79 29.28 -3.59 19.26
N ASN A 80 29.41 -2.44 18.61
CA ASN A 80 30.44 -2.22 17.60
C ASN A 80 30.82 -0.75 17.66
N LYS A 81 32.04 -0.47 18.13
CA LYS A 81 32.48 0.90 18.35
C LYS A 81 32.54 1.74 17.07
N LYS A 82 33.07 1.16 15.99
CA LYS A 82 33.16 1.86 14.70
C LYS A 82 31.78 2.23 14.16
N LEU A 83 30.85 1.28 14.19
CA LEU A 83 29.50 1.52 13.70
C LEU A 83 28.77 2.52 14.58
N TRP A 84 28.99 2.45 15.89
CA TRP A 84 28.40 3.43 16.81
C TRP A 84 28.90 4.85 16.52
N GLU A 85 30.20 4.98 16.32
CA GLU A 85 30.78 6.30 16.04
C GLU A 85 30.32 6.85 14.69
N ARG A 86 30.12 5.96 13.72
CA ARG A 86 29.56 6.32 12.42
C ARG A 86 28.14 6.89 12.62
N TYR A 87 27.37 6.22 13.47
CA TYR A 87 26.03 6.69 13.79
C TYR A 87 26.04 8.06 14.50
N THR A 88 26.85 8.22 15.54
CA THR A 88 26.84 9.46 16.33
C THR A 88 27.40 10.65 15.54
N HIS A 89 28.33 10.39 14.63
CA HIS A 89 28.87 11.42 13.75
C HIS A 89 27.76 12.00 12.88
N ARG A 90 27.00 11.11 12.23
CA ARG A 90 25.88 11.53 11.39
C ARG A 90 24.78 12.20 12.23
N ARG A 91 24.52 11.66 13.41
CA ARG A 91 23.50 12.20 14.30
C ARG A 91 23.76 13.67 14.65
N LYS A 92 25.03 13.98 14.92
CA LYS A 92 25.45 15.35 15.20
C LYS A 92 25.27 16.26 13.98
N GLU A 93 25.62 15.78 12.79
CA GLU A 93 25.41 16.54 11.56
C GLU A 93 23.92 16.88 11.40
N VAL A 94 23.06 15.89 11.61
CA VAL A 94 21.62 16.11 11.47
C VAL A 94 21.11 17.07 12.55
N SER A 95 21.49 16.84 13.80
CA SER A 95 21.13 17.70 14.93
CA SER A 95 21.09 17.72 14.91
CA SER A 95 21.09 17.71 14.90
C SER A 95 21.48 19.16 14.63
N GLU A 96 22.69 19.38 14.15
CA GLU A 96 23.14 20.75 13.85
C GLU A 96 22.38 21.42 12.71
N GLU A 97 21.82 20.63 11.80
CA GLU A 97 20.95 21.14 10.73
C GLU A 97 19.48 21.33 11.16
N ASN A 98 19.14 21.00 12.42
CA ASN A 98 17.74 20.91 12.85
C ASN A 98 17.62 21.40 14.31
N HIS A 99 18.08 22.63 14.55
CA HIS A 99 18.01 23.28 15.87
C HIS A 99 18.32 22.34 17.05
N ASN A 100 19.45 21.65 16.91
CA ASN A 100 19.99 20.74 17.93
C ASN A 100 19.02 19.62 18.31
N HIS A 101 18.33 19.09 17.31
CA HIS A 101 17.32 18.04 17.52
C HIS A 101 17.49 16.95 16.48
N ALA A 102 18.06 15.83 16.92
CA ALA A 102 18.24 14.65 16.08
C ALA A 102 16.92 13.98 15.72
N ASN A 103 15.90 14.16 16.55
CA ASN A 103 14.61 13.47 16.38
C ASN A 103 14.84 11.96 16.31
N GLU A 104 15.47 11.45 17.36
CA GLU A 104 15.86 10.06 17.44
C GLU A 104 14.75 9.18 17.99
N ARG A 105 14.50 8.08 17.30
CA ARG A 105 13.47 7.11 17.64
C ARG A 105 14.10 5.71 17.79
N MET A 106 13.37 4.82 18.47
CA MET A 106 13.68 3.41 18.50
C MET A 106 12.63 2.68 17.66
N LEU A 107 13.09 2.02 16.60
CA LEU A 107 12.20 1.47 15.57
C LEU A 107 12.64 0.08 15.17
N PHE A 108 11.70 -0.71 14.66
CA PHE A 108 11.97 -2.07 14.25
C PHE A 108 12.41 -2.14 12.81
N HIS A 109 13.25 -3.14 12.52
CA HIS A 109 13.66 -3.45 11.15
C HIS A 109 13.74 -4.97 10.97
N GLY A 110 13.05 -5.49 9.97
CA GLY A 110 13.11 -6.89 9.60
C GLY A 110 13.74 -7.00 8.24
N SER A 111 14.64 -7.97 8.06
CA SER A 111 15.35 -8.11 6.81
C SER A 111 15.98 -9.49 6.74
N PRO A 112 16.09 -10.07 5.52
CA PRO A 112 16.89 -11.29 5.39
C PRO A 112 18.37 -11.07 5.69
N PHE A 113 18.83 -9.82 5.71
CA PHE A 113 20.24 -9.51 5.90
C PHE A 113 20.59 -9.00 7.29
N VAL A 114 19.79 -9.32 8.31
CA VAL A 114 20.08 -8.82 9.67
C VAL A 114 21.46 -9.21 10.16
N ASN A 115 21.93 -10.40 9.80
CA ASN A 115 23.26 -10.81 10.26
C ASN A 115 24.38 -10.03 9.53
N ALA A 116 24.17 -9.58 8.29
CA ALA A 116 25.09 -8.63 7.65
C ALA A 116 25.04 -7.23 8.30
N ILE A 117 23.85 -6.79 8.64
CA ILE A 117 23.67 -5.44 9.20
C ILE A 117 24.41 -5.28 10.53
N ILE A 118 24.33 -6.29 11.39
CA ILE A 118 24.93 -6.18 12.72
C ILE A 118 26.46 -6.19 12.65
N HIS A 119 27.02 -6.74 11.57
CA HIS A 119 28.48 -6.77 11.41
C HIS A 119 29.07 -5.62 10.62
N LYS A 120 28.35 -5.16 9.60
CA LYS A 120 28.85 -4.18 8.63
C LYS A 120 28.12 -2.83 8.64
N GLY A 121 26.99 -2.75 9.33
CA GLY A 121 26.17 -1.55 9.38
C GLY A 121 25.15 -1.49 8.26
N PHE A 122 24.21 -0.56 8.39
CA PHE A 122 23.26 -0.30 7.32
C PHE A 122 23.94 0.45 6.17
N ASP A 123 23.55 0.14 4.95
CA ASP A 123 24.01 0.83 3.75
C ASP A 123 23.05 0.55 2.60
N GLU A 124 23.32 1.10 1.42
CA GLU A 124 22.42 0.94 0.25
C GLU A 124 21.95 -0.47 -0.10
N ARG A 125 22.76 -1.50 0.22
CA ARG A 125 22.34 -2.91 0.02
C ARG A 125 21.15 -3.34 0.88
N HIS A 126 20.84 -2.56 1.92
CA HIS A 126 19.74 -2.88 2.83
C HIS A 126 18.46 -2.08 2.55
N ALA A 127 18.48 -1.31 1.46
CA ALA A 127 17.35 -0.48 1.06
C ALA A 127 16.28 -1.30 0.37
N TYR A 128 15.04 -0.87 0.55
CA TYR A 128 13.90 -1.42 -0.17
C TYR A 128 13.72 -0.56 -1.42
N ILE A 129 14.22 -1.07 -2.55
CA ILE A 129 14.24 -0.29 -3.79
C ILE A 129 12.81 0.08 -4.20
N GLY A 130 11.88 -0.88 -4.09
CA GLY A 130 10.48 -0.66 -4.49
C GLY A 130 9.53 -0.15 -3.42
N GLY A 131 10.04 0.41 -2.33
CA GLY A 131 9.18 0.92 -1.26
C GLY A 131 8.36 2.11 -1.70
N MET A 132 7.26 2.35 -1.01
CA MET A 132 6.32 3.39 -1.46
C MET A 132 6.78 4.82 -1.26
N PHE A 133 7.84 4.99 -0.46
CA PHE A 133 8.47 6.28 -0.30
C PHE A 133 9.85 6.33 -0.94
N GLY A 134 10.07 5.50 -1.96
CA GLY A 134 11.34 5.48 -2.71
C GLY A 134 12.36 4.54 -2.10
N ALA A 135 13.48 4.42 -2.80
CA ALA A 135 14.56 3.52 -2.42
C ALA A 135 15.30 4.07 -1.21
N GLY A 136 15.01 3.51 -0.06
CA GLY A 136 15.68 3.88 1.18
C GLY A 136 15.55 2.71 2.12
N ILE A 137 15.99 2.91 3.36
CA ILE A 137 15.96 1.87 4.39
C ILE A 137 14.74 2.14 5.26
N TYR A 138 13.88 1.12 5.40
CA TYR A 138 12.56 1.26 6.02
C TYR A 138 12.55 0.70 7.46
N PHE A 139 11.85 1.41 8.33
CA PHE A 139 11.66 1.04 9.73
C PHE A 139 10.20 1.18 10.14
N ALA A 140 9.76 0.41 11.13
CA ALA A 140 8.36 0.45 11.57
C ALA A 140 8.24 0.66 13.07
N GLU A 141 7.23 1.41 13.48
CA GLU A 141 6.75 1.38 14.88
C GLU A 141 6.13 0.05 15.29
N ASN A 142 5.37 -0.57 14.39
CA ASN A 142 4.77 -1.89 14.67
C ASN A 142 5.80 -3.00 14.43
N SER A 143 6.15 -3.75 15.46
CA SER A 143 7.04 -4.90 15.26
C SER A 143 6.50 -5.87 14.22
N SER A 144 5.17 -6.05 14.21
CA SER A 144 4.52 -6.98 13.28
C SER A 144 4.65 -6.53 11.81
N LYS A 145 4.79 -5.23 11.57
CA LYS A 145 5.08 -4.75 10.22
C LYS A 145 6.48 -5.21 9.80
N SER A 146 7.49 -4.98 10.63
CA SER A 146 8.85 -5.46 10.33
C SER A 146 8.92 -6.99 10.22
N ASN A 147 8.11 -7.69 10.99
CA ASN A 147 8.05 -9.17 10.90
C ASN A 147 7.65 -9.65 9.48
N GLN A 148 6.88 -8.84 8.76
CA GLN A 148 6.52 -9.19 7.38
C GLN A 148 7.70 -9.23 6.41
N TYR A 149 8.85 -8.68 6.80
CA TYR A 149 10.02 -8.57 5.93
C TYR A 149 11.18 -9.50 6.33
N VAL A 150 11.02 -10.25 7.40
CA VAL A 150 12.09 -11.14 7.89
C VAL A 150 12.54 -12.15 6.82
N TYR A 151 11.59 -12.69 6.07
CA TYR A 151 11.87 -13.65 5.01
C TYR A 151 11.85 -13.03 3.60
N GLY A 152 11.86 -11.71 3.51
CA GLY A 152 11.93 -11.00 2.25
C GLY A 152 10.72 -10.12 2.06
N ILE A 153 10.69 -9.43 0.93
CA ILE A 153 9.54 -8.58 0.58
C ILE A 153 8.31 -9.48 0.45
N GLY A 154 7.21 -9.07 1.08
CA GLY A 154 5.98 -9.86 1.10
C GLY A 154 6.12 -11.18 1.83
N GLY A 155 7.14 -11.30 2.69
CA GLY A 155 7.47 -12.57 3.31
C GLY A 155 8.20 -13.58 2.43
N GLY A 156 8.55 -13.19 1.19
CA GLY A 156 9.23 -14.09 0.25
C GLY A 156 8.49 -15.41 0.16
N THR A 157 9.24 -16.51 0.29
CA THR A 157 8.66 -17.85 0.30
C THR A 157 8.56 -18.44 1.71
N GLY A 158 8.68 -17.59 2.74
CA GLY A 158 8.59 -18.05 4.11
C GLY A 158 9.90 -18.61 4.60
N CYS A 159 9.84 -19.37 5.67
CA CYS A 159 11.04 -19.86 6.35
C CYS A 159 11.84 -20.78 5.41
N PRO A 160 13.18 -20.77 5.53
CA PRO A 160 14.04 -21.63 4.69
C PRO A 160 13.71 -23.14 4.77
N VAL A 161 13.36 -23.62 5.95
CA VAL A 161 13.18 -25.06 6.20
C VAL A 161 11.83 -25.59 5.69
N HIS A 162 10.73 -24.90 6.02
CA HIS A 162 9.37 -25.35 5.69
C HIS A 162 8.64 -24.57 4.61
N LYS A 163 9.25 -23.50 4.08
CA LYS A 163 8.62 -22.63 3.07
C LYS A 163 7.25 -22.13 3.54
N ASP A 164 7.20 -21.74 4.81
CA ASP A 164 5.97 -21.34 5.47
C ASP A 164 6.14 -19.90 6.01
N ARG A 165 5.40 -18.95 5.44
CA ARG A 165 5.43 -17.56 5.93
C ARG A 165 4.83 -17.43 7.32
N SER A 166 3.97 -18.38 7.71
CA SER A 166 3.41 -18.42 9.07
C SER A 166 4.05 -19.50 9.96
N CYS A 167 5.32 -19.84 9.71
CA CYS A 167 5.97 -20.90 10.49
C CYS A 167 6.04 -20.52 11.96
N TYR A 168 5.59 -21.45 12.81
CA TYR A 168 5.59 -21.30 14.26
C TYR A 168 6.78 -22.00 14.93
N ILE A 169 7.58 -22.69 14.12
CA ILE A 169 8.71 -23.47 14.61
C ILE A 169 10.02 -22.70 14.47
N CYS A 170 10.29 -22.23 13.26
CA CYS A 170 11.56 -21.60 12.94
C CYS A 170 11.81 -20.27 13.69
N HIS A 171 13.05 -20.09 14.08
CA HIS A 171 13.48 -18.90 14.81
C HIS A 171 13.64 -17.74 13.84
N ARG A 172 13.04 -16.60 14.19
CA ARG A 172 13.09 -15.38 13.42
C ARG A 172 13.93 -14.39 14.18
N GLN A 173 14.48 -13.41 13.46
CA GLN A 173 15.20 -12.30 14.09
C GLN A 173 14.73 -10.95 13.55
N LEU A 174 14.57 -9.99 14.46
CA LEU A 174 14.36 -8.58 14.13
C LEU A 174 15.41 -7.74 14.80
N LEU A 175 15.65 -6.55 14.24
CA LEU A 175 16.45 -5.53 14.89
C LEU A 175 15.56 -4.44 15.49
N PHE A 176 15.92 -4.01 16.71
CA PHE A 176 15.31 -2.82 17.32
C PHE A 176 16.41 -1.76 17.32
N CYS A 177 16.19 -0.73 16.50
CA CYS A 177 17.24 0.17 16.04
C CYS A 177 17.06 1.59 16.53
N ARG A 178 18.17 2.25 16.77
CA ARG A 178 18.20 3.68 17.08
C ARG A 178 18.31 4.41 15.75
N VAL A 179 17.34 5.29 15.46
CA VAL A 179 17.21 5.91 14.14
C VAL A 179 17.09 7.43 14.27
N THR A 180 17.93 8.14 13.54
CA THR A 180 17.90 9.60 13.47
C THR A 180 16.98 10.02 12.32
N LEU A 181 15.86 10.67 12.65
CA LEU A 181 14.92 11.14 11.64
C LEU A 181 15.18 12.58 11.20
N GLY A 182 15.77 13.38 12.08
CA GLY A 182 15.89 14.81 11.82
C GLY A 182 14.56 15.44 11.42
N LYS A 183 14.62 16.39 10.48
CA LYS A 183 13.44 16.94 9.85
C LYS A 183 12.82 15.94 8.88
N SER A 184 11.65 15.42 9.23
CA SER A 184 11.04 14.32 8.48
C SER A 184 9.92 14.82 7.61
N PHE A 185 9.92 14.41 6.34
CA PHE A 185 8.87 14.76 5.39
C PHE A 185 7.64 13.90 5.67
N LEU A 186 6.50 14.54 5.94
CA LEU A 186 5.27 13.83 6.28
CA LEU A 186 5.24 13.86 6.27
C LEU A 186 4.49 13.48 5.02
N GLN A 187 4.31 12.18 4.80
CA GLN A 187 3.53 11.64 3.71
C GLN A 187 2.28 11.01 4.32
N PHE A 188 1.11 11.52 3.96
CA PHE A 188 -0.15 10.91 4.38
C PHE A 188 -0.34 9.81 3.34
N SER A 189 -0.75 8.61 3.73
CA SER A 189 -0.85 7.50 2.75
C SER A 189 -1.68 6.34 3.25
N ALA A 190 -2.29 5.61 2.30
CA ALA A 190 -3.07 4.41 2.60
C ALA A 190 -2.16 3.22 2.91
N MET B 2 20.40 4.17 -3.42
CA MET B 2 19.30 4.80 -2.70
C MET B 2 18.97 6.16 -3.29
N ALA B 3 17.69 6.55 -3.14
CA ALA B 3 17.23 7.89 -3.46
C ALA B 3 17.78 8.88 -2.44
N HIS B 4 17.50 10.17 -2.66
CA HIS B 4 17.83 11.21 -1.69
C HIS B 4 16.59 11.51 -0.87
N SER B 5 16.79 12.01 0.35
CA SER B 5 15.70 12.57 1.15
C SER B 5 15.10 13.73 0.36
N PRO B 6 13.81 14.06 0.60
CA PRO B 6 13.27 15.27 0.01
C PRO B 6 14.13 16.48 0.40
N PRO B 7 14.35 17.44 -0.53
CA PRO B 7 15.18 18.59 -0.19
C PRO B 7 14.76 19.27 1.12
N GLY B 8 15.76 19.58 1.94
CA GLY B 8 15.55 20.17 3.26
C GLY B 8 15.03 19.20 4.33
N HIS B 9 15.08 17.90 4.06
CA HIS B 9 14.61 16.87 5.01
C HIS B 9 15.67 15.78 5.17
N HIS B 10 15.60 15.05 6.27
CA HIS B 10 16.55 13.94 6.55
C HIS B 10 15.91 12.54 6.55
N SER B 11 14.61 12.49 6.34
CA SER B 11 13.86 11.23 6.38
C SER B 11 12.46 11.48 5.84
N VAL B 12 11.70 10.39 5.67
CA VAL B 12 10.29 10.45 5.32
C VAL B 12 9.50 9.67 6.38
N THR B 13 8.36 10.23 6.79
CA THR B 13 7.43 9.56 7.67
C THR B 13 6.22 9.17 6.85
N GLY B 14 5.89 7.89 6.87
CA GLY B 14 4.68 7.38 6.25
C GLY B 14 3.61 7.33 7.32
N ARG B 15 2.69 8.28 7.27
CA ARG B 15 1.57 8.31 8.21
CA ARG B 15 1.56 8.32 8.20
C ARG B 15 0.38 7.51 7.67
N PRO B 16 -0.16 6.57 8.48
CA PRO B 16 -1.35 5.87 7.97
C PRO B 16 -2.56 6.80 7.83
N SER B 17 -3.24 6.76 6.67
CA SER B 17 -4.46 7.57 6.39
C SER B 17 -5.75 6.76 6.16
N VAL B 18 -5.69 5.43 6.27
CA VAL B 18 -6.88 4.54 6.08
C VAL B 18 -7.10 3.64 7.30
N ASN B 19 -6.09 2.83 7.62
CA ASN B 19 -6.11 1.96 8.80
C ASN B 19 -5.80 2.77 10.05
N GLY B 20 -6.88 3.08 10.78
CA GLY B 20 -6.79 3.75 12.06
C GLY B 20 -5.98 3.08 13.13
N LEU B 21 -5.68 1.77 13.02
CA LEU B 21 -4.83 1.11 14.06
C LEU B 21 -3.34 1.02 13.73
N ALA B 22 -2.98 1.29 12.49
CA ALA B 22 -1.57 1.18 12.07
C ALA B 22 -0.73 2.30 12.66
N LEU B 23 0.50 1.97 13.07
CA LEU B 23 1.46 2.97 13.46
C LEU B 23 2.31 3.42 12.26
N ALA B 24 3.05 4.49 12.46
CA ALA B 24 3.86 5.07 11.41
C ALA B 24 5.02 4.15 10.96
N GLU B 25 5.47 4.39 9.73
CA GLU B 25 6.67 3.79 9.14
C GLU B 25 7.56 4.93 8.70
N TYR B 26 8.87 4.66 8.63
CA TYR B 26 9.86 5.70 8.38
C TYR B 26 10.90 5.21 7.39
N VAL B 27 11.44 6.15 6.61
CA VAL B 27 12.48 5.84 5.65
C VAL B 27 13.64 6.81 5.82
N ILE B 28 14.86 6.24 5.86
CA ILE B 28 16.08 7.04 5.81
C ILE B 28 16.82 6.69 4.53
N TYR B 29 17.63 7.64 4.08
CA TYR B 29 18.36 7.49 2.81
C TYR B 29 19.87 7.48 2.99
N ARG B 30 20.31 7.37 4.24
CA ARG B 30 21.72 7.29 4.60
C ARG B 30 21.80 6.20 5.65
N GLY B 31 22.58 5.16 5.38
CA GLY B 31 22.74 4.06 6.33
C GLY B 31 23.30 4.48 7.69
N GLU B 32 24.06 5.59 7.69
CA GLU B 32 24.64 6.12 8.92
C GLU B 32 23.60 6.66 9.91
N GLN B 33 22.35 6.83 9.48
CA GLN B 33 21.28 7.36 10.35
C GLN B 33 20.56 6.29 11.15
N ALA B 34 21.07 5.05 11.18
CA ALA B 34 20.51 4.00 12.03
C ALA B 34 21.62 3.17 12.64
N TYR B 35 21.42 2.76 13.89
CA TYR B 35 22.32 1.84 14.56
C TYR B 35 21.49 0.64 15.07
N PRO B 36 21.92 -0.61 14.76
CA PRO B 36 21.16 -1.80 15.12
C PRO B 36 21.41 -2.19 16.57
N GLU B 37 20.68 -1.59 17.50
CA GLU B 37 21.03 -1.66 18.91
C GLU B 37 20.71 -3.02 19.56
N TYR B 38 19.57 -3.62 19.21
CA TYR B 38 19.19 -4.92 19.73
C TYR B 38 18.88 -5.92 18.64
N LEU B 39 19.38 -7.15 18.82
CA LEU B 39 19.01 -8.28 17.97
C LEU B 39 18.05 -9.15 18.78
N ILE B 40 16.83 -9.28 18.29
CA ILE B 40 15.78 -10.03 18.99
C ILE B 40 15.50 -11.31 18.24
N THR B 41 15.62 -12.45 18.93
CA THR B 41 15.34 -13.77 18.33
C THR B 41 14.03 -14.28 18.94
N TYR B 42 13.12 -14.73 18.08
CA TYR B 42 11.75 -15.02 18.51
C TYR B 42 11.06 -16.01 17.60
N GLN B 43 9.94 -16.52 18.08
CA GLN B 43 8.99 -17.20 17.23
C GLN B 43 7.66 -16.43 17.30
N ILE B 44 6.91 -16.47 16.21
CA ILE B 44 5.50 -16.07 16.28
C ILE B 44 4.72 -17.21 16.93
N MET B 45 3.68 -16.87 17.69
CA MET B 45 2.89 -17.87 18.42
C MET B 45 1.53 -18.08 17.76
N ARG B 46 1.14 -19.34 17.63
CA ARG B 46 -0.14 -19.70 17.03
C ARG B 46 -1.25 -19.29 18.00
N PRO B 47 -2.23 -18.49 17.52
CA PRO B 47 -3.34 -18.10 18.41
C PRO B 47 -4.08 -19.32 18.96
N GLU B 48 -4.47 -19.25 20.23
CA GLU B 48 -5.19 -20.34 20.89
C GLU B 48 -6.64 -20.42 20.40
N GLY C 30 -14.56 -9.61 5.87
CA GLY C 30 -13.69 -10.74 5.45
C GLY C 30 -12.80 -10.46 4.25
N THR C 31 -12.42 -9.20 4.06
CA THR C 31 -11.54 -8.83 2.95
C THR C 31 -10.10 -8.95 3.37
N ILE C 32 -9.29 -9.61 2.55
CA ILE C 32 -7.84 -9.56 2.69
C ILE C 32 -7.26 -8.97 1.41
N LEU C 33 -6.18 -8.23 1.56
CA LEU C 33 -5.47 -7.62 0.45
C LEU C 33 -4.09 -8.26 0.30
N ILE C 34 -3.79 -8.77 -0.89
CA ILE C 34 -2.52 -9.46 -1.16
C ILE C 34 -1.69 -8.61 -2.11
N ASP C 35 -0.49 -8.21 -1.69
CA ASP C 35 0.40 -7.42 -2.54
C ASP C 35 0.90 -8.24 -3.70
N LEU C 36 0.85 -7.68 -4.90
CA LEU C 36 1.51 -8.26 -6.06
C LEU C 36 2.93 -7.73 -6.18
N SER C 37 3.86 -8.62 -6.48
CA SER C 37 5.25 -8.21 -6.72
C SER C 37 5.35 -7.49 -8.05
N PRO C 38 6.13 -6.39 -8.13
CA PRO C 38 6.36 -5.79 -9.46
C PRO C 38 7.02 -6.70 -10.50
N ASP C 39 7.67 -7.78 -10.05
CA ASP C 39 8.25 -8.78 -10.97
C ASP C 39 7.24 -9.80 -11.52
N ASP C 40 6.01 -9.76 -11.02
CA ASP C 40 4.91 -10.65 -11.40
C ASP C 40 4.27 -10.11 -12.68
N LYS C 41 4.01 -11.00 -13.63
CA LYS C 41 3.29 -10.62 -14.86
C LYS C 41 1.93 -9.98 -14.59
N GLU C 42 1.25 -10.42 -13.52
CA GLU C 42 -0.05 -9.87 -13.18
C GLU C 42 0.05 -8.38 -12.79
N PHE C 43 1.04 -8.05 -11.96
CA PHE C 43 1.32 -6.64 -11.63
C PHE C 43 1.56 -5.85 -12.92
N GLN C 44 2.44 -6.37 -13.77
CA GLN C 44 2.87 -5.68 -14.98
C GLN C 44 1.71 -5.46 -15.94
N SER C 45 0.80 -6.42 -16.00
CA SER C 45 -0.38 -6.31 -16.85
C SER C 45 -1.32 -5.19 -16.37
N VAL C 46 -1.56 -5.14 -15.07
CA VAL C 46 -2.44 -4.12 -14.50
C VAL C 46 -1.80 -2.74 -14.66
N GLU C 47 -0.50 -2.64 -14.39
CA GLU C 47 0.20 -1.37 -14.60
C GLU C 47 0.07 -0.93 -16.07
N GLU C 48 0.27 -1.84 -17.02
CA GLU C 48 0.20 -1.45 -18.43
C GLU C 48 -1.22 -1.00 -18.79
N GLU C 49 -2.23 -1.65 -18.24
CA GLU C 49 -3.62 -1.20 -18.47
C GLU C 49 -3.85 0.20 -17.89
N MET C 50 -3.30 0.49 -16.70
CA MET C 50 -3.34 1.87 -16.16
C MET C 50 -2.67 2.88 -17.10
N GLN C 51 -1.41 2.61 -17.44
CA GLN C 51 -0.60 3.58 -18.16
C GLN C 51 -1.09 3.80 -19.60
N SER C 52 -1.49 2.71 -20.26
CA SER C 52 -1.83 2.76 -21.68
C SER C 52 -3.18 3.42 -21.93
N THR C 53 -3.99 3.59 -20.89
CA THR C 53 -5.32 4.20 -21.03
C THR C 53 -5.42 5.61 -20.42
N VAL C 54 -4.28 6.24 -20.16
CA VAL C 54 -4.28 7.67 -19.85
C VAL C 54 -4.58 8.39 -21.17
N ARG C 55 -5.47 9.37 -21.10
CA ARG C 55 -5.67 10.29 -22.20
C ARG C 55 -5.70 11.73 -21.70
N GLU C 56 -5.72 12.67 -22.63
CA GLU C 56 -5.99 14.06 -22.32
C GLU C 56 -7.48 14.25 -22.12
N HIS C 57 -7.81 15.17 -21.21
CA HIS C 57 -9.19 15.49 -20.87
C HIS C 57 -9.52 16.91 -21.25
N ARG C 58 -10.77 17.10 -21.66
CA ARG C 58 -11.26 18.38 -22.19
C ARG C 58 -11.32 19.50 -21.16
N ASP C 59 -11.24 19.15 -19.88
CA ASP C 59 -11.12 20.13 -18.80
C ASP C 59 -9.70 20.66 -18.54
N GLY C 60 -8.74 20.27 -19.38
CA GLY C 60 -7.37 20.73 -19.24
C GLY C 60 -6.65 20.19 -18.00
N GLY C 61 -7.21 19.16 -17.37
CA GLY C 61 -6.71 18.66 -16.09
C GLY C 61 -7.39 19.19 -14.85
N HIS C 62 -8.43 20.00 -15.00
CA HIS C 62 -9.11 20.61 -13.86
C HIS C 62 -9.53 19.58 -12.79
N ALA C 63 -10.19 18.50 -13.19
CA ALA C 63 -10.74 17.55 -12.23
C ALA C 63 -9.67 16.61 -11.69
N GLY C 64 -8.88 16.03 -12.59
CA GLY C 64 -7.95 14.95 -12.24
C GLY C 64 -6.49 15.31 -12.14
N GLY C 65 -6.12 16.50 -12.62
CA GLY C 65 -4.73 16.93 -12.68
C GLY C 65 -4.09 16.83 -14.04
N ILE C 66 -2.90 17.39 -14.15
CA ILE C 66 -2.13 17.42 -15.38
C ILE C 66 -1.05 16.34 -15.31
N PHE C 67 -1.17 15.35 -16.19
CA PHE C 67 -0.24 14.21 -16.25
C PHE C 67 -0.43 13.41 -17.52
N ASN C 68 0.63 12.70 -17.91
CA ASN C 68 0.60 11.74 -19.02
C ASN C 68 0.81 10.30 -18.57
N ARG C 69 1.23 10.12 -17.31
CA ARG C 69 1.55 8.81 -16.78
C ARG C 69 1.51 8.84 -15.26
N TYR C 70 1.51 7.65 -14.66
CA TYR C 70 1.46 7.49 -13.22
C TYR C 70 2.77 6.91 -12.71
N ASN C 71 3.01 7.14 -11.43
CA ASN C 71 3.95 6.33 -10.66
C ASN C 71 3.13 5.30 -9.85
N ILE C 72 3.23 4.03 -10.24
CA ILE C 72 2.47 2.99 -9.55
C ILE C 72 3.26 2.60 -8.32
N LEU C 73 2.64 2.75 -7.16
CA LEU C 73 3.27 2.47 -5.87
C LEU C 73 3.00 1.06 -5.35
N LYS C 74 1.78 0.57 -5.57
CA LYS C 74 1.36 -0.75 -5.09
C LYS C 74 0.14 -1.25 -5.87
N ILE C 75 0.07 -2.56 -6.10
CA ILE C 75 -1.12 -3.20 -6.66
C ILE C 75 -1.45 -4.39 -5.76
N GLN C 76 -2.66 -4.40 -5.22
CA GLN C 76 -3.11 -5.47 -4.33
C GLN C 76 -4.31 -6.19 -4.93
N LYS C 77 -4.32 -7.52 -4.81
CA LYS C 77 -5.51 -8.30 -5.09
C LYS C 77 -6.44 -8.23 -3.89
N VAL C 78 -7.73 -8.04 -4.16
CA VAL C 78 -8.76 -7.95 -3.14
C VAL C 78 -9.48 -9.29 -3.09
N CYS C 79 -9.50 -9.92 -1.92
CA CYS C 79 -10.05 -11.26 -1.76
C CYS C 79 -11.11 -11.22 -0.69
N ASN C 80 -12.35 -11.49 -1.09
CA ASN C 80 -13.46 -11.58 -0.15
C ASN C 80 -14.40 -12.66 -0.71
N LYS C 81 -14.50 -13.78 0.01
CA LYS C 81 -15.29 -14.92 -0.46
C LYS C 81 -16.77 -14.58 -0.62
N LYS C 82 -17.34 -13.93 0.38
CA LYS C 82 -18.77 -13.55 0.37
C LYS C 82 -19.10 -12.59 -0.78
N LEU C 83 -18.27 -11.57 -0.97
CA LEU C 83 -18.45 -10.63 -2.08
C LEU C 83 -18.26 -11.27 -3.44
N TRP C 84 -17.29 -12.19 -3.54
CA TRP C 84 -17.08 -12.93 -4.77
C TRP C 84 -18.30 -13.79 -5.12
N GLU C 85 -18.83 -14.52 -4.14
CA GLU C 85 -20.02 -15.35 -4.38
C GLU C 85 -21.25 -14.50 -4.74
N ARG C 86 -21.40 -13.34 -4.11
CA ARG C 86 -22.45 -12.39 -4.48
C ARG C 86 -22.30 -12.01 -5.95
N TYR C 87 -21.06 -11.72 -6.36
CA TYR C 87 -20.77 -11.36 -7.75
C TYR C 87 -21.10 -12.49 -8.73
N THR C 88 -20.60 -13.70 -8.46
CA THR C 88 -20.75 -14.83 -9.40
C THR C 88 -22.21 -15.32 -9.50
N HIS C 89 -22.97 -15.15 -8.43
CA HIS C 89 -24.39 -15.47 -8.42
C HIS C 89 -25.15 -14.54 -9.37
N ARG C 90 -24.87 -13.24 -9.27
CA ARG C 90 -25.49 -12.28 -10.16
C ARG C 90 -25.02 -12.46 -11.60
N ARG C 91 -23.74 -12.77 -11.78
CA ARG C 91 -23.18 -13.00 -13.12
C ARG C 91 -23.89 -14.15 -13.84
N LYS C 92 -24.18 -15.22 -13.09
CA LYS C 92 -24.90 -16.36 -13.63
C LYS C 92 -26.34 -16.01 -14.04
N GLU C 93 -27.02 -15.21 -13.21
CA GLU C 93 -28.36 -14.70 -13.56
C GLU C 93 -28.34 -13.87 -14.83
N VAL C 94 -27.40 -12.92 -14.90
CA VAL C 94 -27.29 -12.04 -16.06
C VAL C 94 -26.89 -12.88 -17.30
N SER C 95 -25.92 -13.78 -17.14
CA SER C 95 -25.47 -14.60 -18.25
C SER C 95 -26.64 -15.41 -18.87
N GLU C 96 -27.44 -16.02 -18.02
CA GLU C 96 -28.59 -16.82 -18.49
C GLU C 96 -29.64 -15.95 -19.17
N GLU C 97 -29.92 -14.77 -18.62
CA GLU C 97 -30.84 -13.81 -19.23
C GLU C 97 -30.37 -13.33 -20.60
N ASN C 98 -29.06 -13.19 -20.76
CA ASN C 98 -28.43 -12.75 -22.00
C ASN C 98 -27.92 -13.92 -22.84
N HIS C 99 -28.61 -15.07 -22.78
CA HIS C 99 -28.35 -16.22 -23.65
C HIS C 99 -26.92 -16.76 -23.55
N ASN C 100 -26.52 -16.98 -22.28
CA ASN C 100 -25.22 -17.52 -21.90
CA ASN C 100 -25.22 -17.54 -21.92
C ASN C 100 -24.05 -16.60 -22.33
N HIS C 101 -24.21 -15.32 -22.02
CA HIS C 101 -23.17 -14.31 -22.28
C HIS C 101 -23.13 -13.27 -21.17
N ALA C 102 -22.15 -13.40 -20.26
CA ALA C 102 -22.00 -12.44 -19.16
C ALA C 102 -21.55 -11.07 -19.65
N ASN C 103 -20.81 -11.03 -20.75
CA ASN C 103 -20.23 -9.80 -21.30
C ASN C 103 -19.42 -9.11 -20.19
N GLU C 104 -18.49 -9.88 -19.64
CA GLU C 104 -17.69 -9.44 -18.50
C GLU C 104 -16.44 -8.70 -18.97
N ARG C 105 -16.17 -7.56 -18.32
CA ARG C 105 -15.05 -6.69 -18.65
C ARG C 105 -14.19 -6.43 -17.42
N MET C 106 -12.96 -5.97 -17.63
CA MET C 106 -12.17 -5.32 -16.59
C MET C 106 -12.17 -3.82 -16.84
N LEU C 107 -12.61 -3.06 -15.83
CA LEU C 107 -12.83 -1.61 -15.94
C LEU C 107 -12.39 -0.87 -14.69
N PHE C 108 -11.99 0.38 -14.87
CA PHE C 108 -11.56 1.21 -13.73
C PHE C 108 -12.74 1.85 -12.99
N HIS C 109 -12.54 2.06 -11.68
CA HIS C 109 -13.48 2.82 -10.85
C HIS C 109 -12.69 3.70 -9.86
N GLY C 110 -13.00 4.98 -9.87
CA GLY C 110 -12.43 5.97 -8.97
C GLY C 110 -13.53 6.48 -8.08
N SER C 111 -13.24 6.62 -6.78
CA SER C 111 -14.27 7.03 -5.83
C SER C 111 -13.64 7.39 -4.48
N PRO C 112 -14.21 8.39 -3.78
CA PRO C 112 -13.76 8.63 -2.41
C PRO C 112 -14.15 7.54 -1.40
N PHE C 113 -15.03 6.61 -1.80
CA PHE C 113 -15.43 5.47 -0.96
C PHE C 113 -14.73 4.15 -1.31
N VAL C 114 -13.61 4.21 -2.03
CA VAL C 114 -12.79 3.03 -2.35
C VAL C 114 -12.54 2.11 -1.15
N ASN C 115 -12.24 2.70 0.00
CA ASN C 115 -11.96 1.92 1.22
C ASN C 115 -13.22 1.18 1.69
N ALA C 116 -14.39 1.80 1.58
CA ALA C 116 -15.66 1.11 1.87
C ALA C 116 -16.02 0.01 0.86
N ILE C 117 -15.76 0.26 -0.44
CA ILE C 117 -16.11 -0.72 -1.47
C ILE C 117 -15.40 -2.07 -1.30
N ILE C 118 -14.13 -2.02 -0.97
CA ILE C 118 -13.33 -3.25 -0.86
C ILE C 118 -13.78 -4.14 0.32
N HIS C 119 -14.40 -3.53 1.33
CA HIS C 119 -14.87 -4.25 2.52
C HIS C 119 -16.32 -4.70 2.43
N LYS C 120 -17.18 -3.83 1.90
CA LYS C 120 -18.63 -4.06 1.89
C LYS C 120 -19.20 -4.38 0.51
N GLY C 121 -18.41 -4.17 -0.55
CA GLY C 121 -18.88 -4.38 -1.91
C GLY C 121 -19.56 -3.14 -2.47
N PHE C 122 -19.86 -3.17 -3.77
CA PHE C 122 -20.61 -2.09 -4.40
C PHE C 122 -22.11 -2.18 -4.03
N ASP C 123 -22.76 -1.03 -3.93
CA ASP C 123 -24.21 -0.94 -3.67
C ASP C 123 -24.67 0.51 -3.96
N GLU C 124 -25.93 0.81 -3.70
CA GLU C 124 -26.52 2.10 -4.10
C GLU C 124 -25.78 3.35 -3.61
N ARG C 125 -25.09 3.26 -2.46
CA ARG C 125 -24.30 4.38 -1.92
C ARG C 125 -23.11 4.79 -2.80
N HIS C 126 -22.69 3.90 -3.71
CA HIS C 126 -21.55 4.12 -4.59
C HIS C 126 -21.95 4.58 -6.00
N ALA C 127 -23.25 4.80 -6.20
CA ALA C 127 -23.77 5.33 -7.46
C ALA C 127 -23.53 6.82 -7.63
N TYR C 128 -23.49 7.23 -8.90
CA TYR C 128 -23.41 8.62 -9.30
C TYR C 128 -24.80 9.02 -9.76
N ILE C 129 -25.51 9.71 -8.87
CA ILE C 129 -26.94 9.97 -9.08
C ILE C 129 -27.12 10.86 -10.30
N GLY C 130 -26.26 11.86 -10.44
CA GLY C 130 -26.33 12.80 -11.54
C GLY C 130 -25.52 12.47 -12.78
N GLY C 131 -25.12 11.21 -12.94
CA GLY C 131 -24.37 10.81 -14.13
C GLY C 131 -25.21 10.91 -15.40
N MET C 132 -24.54 11.11 -16.52
CA MET C 132 -25.22 11.35 -17.79
C MET C 132 -26.04 10.17 -18.35
N PHE C 133 -25.78 8.95 -17.86
CA PHE C 133 -26.57 7.79 -18.26
C PHE C 133 -27.43 7.26 -17.12
N GLY C 134 -27.85 8.16 -16.23
CA GLY C 134 -28.72 7.81 -15.13
C GLY C 134 -27.99 7.48 -13.84
N ALA C 135 -28.78 7.31 -12.79
CA ALA C 135 -28.29 7.03 -11.45
C ALA C 135 -27.84 5.58 -11.36
N GLY C 136 -26.55 5.36 -11.54
CA GLY C 136 -25.98 4.02 -11.45
C GLY C 136 -24.52 4.10 -11.05
N ILE C 137 -23.84 2.97 -11.09
CA ILE C 137 -22.44 2.90 -10.71
C ILE C 137 -21.61 2.93 -11.99
N TYR C 138 -20.66 3.87 -12.06
CA TYR C 138 -19.94 4.17 -13.29
C TYR C 138 -18.52 3.60 -13.31
N PHE C 139 -18.13 3.08 -14.48
CA PHE C 139 -16.80 2.54 -14.70
C PHE C 139 -16.24 3.07 -16.01
N ALA C 140 -14.92 3.06 -16.14
CA ALA C 140 -14.24 3.61 -17.31
C ALA C 140 -13.21 2.67 -17.89
N GLU C 141 -13.13 2.67 -19.22
CA GLU C 141 -11.96 2.11 -19.93
C GLU C 141 -10.69 2.96 -19.76
N ASN C 142 -10.82 4.29 -19.71
CA ASN C 142 -9.67 5.17 -19.48
C ASN C 142 -9.39 5.28 -17.98
N SER C 143 -8.24 4.81 -17.55
CA SER C 143 -7.83 5.02 -16.15
C SER C 143 -7.92 6.49 -15.74
N SER C 144 -7.54 7.40 -16.65
CA SER C 144 -7.52 8.83 -16.34
C SER C 144 -8.92 9.41 -16.15
N LYS C 145 -9.94 8.79 -16.75
CA LYS C 145 -11.33 9.19 -16.49
C LYS C 145 -11.69 8.86 -15.05
N SER C 146 -11.42 7.63 -14.61
CA SER C 146 -11.66 7.26 -13.20
C SER C 146 -10.83 8.08 -12.23
N ASN C 147 -9.61 8.47 -12.61
CA ASN C 147 -8.77 9.35 -11.79
C ASN C 147 -9.48 10.70 -11.47
N GLN C 148 -10.35 11.15 -12.37
CA GLN C 148 -11.11 12.38 -12.13
C GLN C 148 -12.10 12.31 -10.97
N TYR C 149 -12.41 11.11 -10.48
CA TYR C 149 -13.39 10.90 -9.41
C TYR C 149 -12.79 10.44 -8.07
N VAL C 150 -11.47 10.31 -8.02
CA VAL C 150 -10.76 9.84 -6.80
C VAL C 150 -11.07 10.73 -5.59
N TYR C 151 -11.08 12.04 -5.82
CA TYR C 151 -11.36 13.03 -4.79
C TYR C 151 -12.79 13.58 -4.82
N GLY C 152 -13.68 12.89 -5.53
CA GLY C 152 -15.08 13.27 -5.65
C GLY C 152 -15.46 13.68 -7.05
N ILE C 153 -16.74 14.00 -7.22
CA ILE C 153 -17.25 14.47 -8.51
C ILE C 153 -16.52 15.77 -8.89
N GLY C 154 -16.02 15.81 -10.11
CA GLY C 154 -15.23 16.94 -10.59
C GLY C 154 -13.90 17.12 -9.89
N GLY C 155 -13.39 16.06 -9.27
CA GLY C 155 -12.21 16.12 -8.43
C GLY C 155 -12.42 16.73 -7.04
N GLY C 156 -13.66 17.02 -6.65
CA GLY C 156 -13.94 17.70 -5.38
C GLY C 156 -13.06 18.91 -5.18
N THR C 157 -12.45 19.01 -3.99
CA THR C 157 -11.46 20.04 -3.69
C THR C 157 -10.03 19.50 -3.74
N GLY C 158 -9.82 18.35 -4.38
CA GLY C 158 -8.50 17.76 -4.54
C GLY C 158 -8.07 16.98 -3.30
N CYS C 159 -6.77 16.77 -3.17
CA CYS C 159 -6.25 15.97 -2.05
C CYS C 159 -6.59 16.65 -0.73
N PRO C 160 -6.80 15.85 0.34
CA PRO C 160 -7.04 16.41 1.69
C PRO C 160 -5.96 17.33 2.22
N VAL C 161 -4.70 16.96 2.01
CA VAL C 161 -3.56 17.66 2.60
C VAL C 161 -3.31 19.02 1.98
N HIS C 162 -3.36 19.10 0.65
CA HIS C 162 -3.00 20.32 -0.07
C HIS C 162 -4.16 21.01 -0.82
N LYS C 163 -5.35 20.41 -0.80
CA LYS C 163 -6.50 20.90 -1.58
C LYS C 163 -6.12 21.14 -3.05
N ASP C 164 -5.43 20.16 -3.63
CA ASP C 164 -4.86 20.29 -4.98
C ASP C 164 -5.34 19.12 -5.83
N ARG C 165 -6.19 19.39 -6.81
CA ARG C 165 -6.69 18.35 -7.71
C ARG C 165 -5.58 17.75 -8.59
N SER C 166 -4.47 18.49 -8.75
CA SER C 166 -3.31 18.01 -9.50
C SER C 166 -2.13 17.69 -8.58
N CYS C 167 -2.41 17.31 -7.33
CA CYS C 167 -1.34 17.00 -6.38
C CYS C 167 -0.49 15.86 -6.92
N TYR C 168 0.84 16.07 -6.90
CA TYR C 168 1.84 15.08 -7.33
C TYR C 168 2.50 14.38 -6.16
N ILE C 169 2.11 14.76 -4.94
CA ILE C 169 2.69 14.24 -3.71
C ILE C 169 1.81 13.15 -3.12
N CYS C 170 0.54 13.46 -2.91
CA CYS C 170 -0.35 12.56 -2.19
C CYS C 170 -0.68 11.28 -2.98
N HIS C 171 -0.77 10.18 -2.25
CA HIS C 171 -1.08 8.88 -2.83
C HIS C 171 -2.56 8.76 -3.12
N ARG C 172 -2.88 8.28 -4.32
CA ARG C 172 -4.25 8.05 -4.77
C ARG C 172 -4.49 6.56 -4.91
N GLN C 173 -5.76 6.18 -4.88
CA GLN C 173 -6.17 4.81 -5.09
C GLN C 173 -7.28 4.71 -6.13
N LEU C 174 -7.16 3.72 -7.01
CA LEU C 174 -8.19 3.36 -8.01
C LEU C 174 -8.48 1.88 -7.86
N LEU C 175 -9.68 1.46 -8.27
CA LEU C 175 -10.00 0.05 -8.38
C LEU C 175 -10.00 -0.37 -9.84
N PHE C 176 -9.56 -1.59 -10.10
CA PHE C 176 -9.65 -2.21 -11.43
C PHE C 176 -10.54 -3.42 -11.20
N CYS C 177 -11.76 -3.35 -11.76
CA CYS C 177 -12.87 -4.20 -11.34
C CYS C 177 -13.35 -5.13 -12.42
N ARG C 178 -13.81 -6.29 -12.01
CA ARG C 178 -14.54 -7.21 -12.89
C ARG C 178 -15.99 -6.75 -12.92
N VAL C 179 -16.53 -6.48 -14.12
CA VAL C 179 -17.86 -5.90 -14.29
C VAL C 179 -18.66 -6.73 -15.29
N THR C 180 -19.84 -7.17 -14.86
CA THR C 180 -20.75 -7.93 -15.72
C THR C 180 -21.67 -6.95 -16.44
N LEU C 181 -21.54 -6.84 -17.76
CA LEU C 181 -22.39 -5.91 -18.53
C LEU C 181 -23.70 -6.51 -19.04
N GLY C 182 -23.73 -7.82 -19.26
CA GLY C 182 -24.86 -8.46 -19.91
C GLY C 182 -25.19 -7.80 -21.24
N LYS C 183 -26.47 -7.78 -21.58
CA LYS C 183 -26.98 -6.97 -22.67
C LYS C 183 -26.84 -5.50 -22.34
N SER C 184 -25.96 -4.80 -23.05
CA SER C 184 -25.64 -3.42 -22.75
C SER C 184 -26.30 -2.49 -23.76
N PHE C 185 -27.00 -1.49 -23.24
CA PHE C 185 -27.66 -0.49 -24.09
C PHE C 185 -26.62 0.50 -24.57
N LEU C 186 -26.43 0.58 -25.88
CA LEU C 186 -25.47 1.51 -26.44
C LEU C 186 -26.03 2.92 -26.52
N GLN C 187 -25.38 3.85 -25.82
CA GLN C 187 -25.75 5.26 -25.84
C GLN C 187 -24.55 6.03 -26.36
N PHE C 188 -24.66 6.59 -27.57
CA PHE C 188 -23.67 7.55 -28.05
C PHE C 188 -23.81 8.84 -27.24
N SER C 189 -22.65 9.39 -26.89
CA SER C 189 -22.56 10.53 -25.99
C SER C 189 -21.91 11.65 -26.78
N ALA C 190 -22.37 12.87 -26.55
CA ALA C 190 -21.84 14.04 -27.24
C ALA C 190 -20.44 14.45 -26.76
N MET C 191 -19.87 13.73 -25.77
CA MET C 191 -18.50 13.97 -25.31
C MET C 191 -17.48 13.39 -26.28
N MET D 2 -31.02 4.57 -6.79
CA MET D 2 -30.40 3.97 -8.00
C MET D 2 -31.47 3.59 -9.04
N ALA D 3 -31.26 4.00 -10.28
CA ALA D 3 -32.18 3.77 -11.38
C ALA D 3 -32.19 2.30 -11.80
N HIS D 4 -33.15 1.94 -12.64
CA HIS D 4 -33.19 0.61 -13.23
C HIS D 4 -32.48 0.66 -14.58
N SER D 5 -32.06 -0.52 -15.06
CA SER D 5 -31.48 -0.64 -16.38
C SER D 5 -32.57 -0.39 -17.43
N PRO D 6 -32.16 -0.03 -18.68
CA PRO D 6 -33.13 0.01 -19.77
C PRO D 6 -33.82 -1.36 -19.95
N PRO D 7 -35.15 -1.36 -20.20
CA PRO D 7 -35.87 -2.63 -20.40
C PRO D 7 -35.15 -3.62 -21.33
N GLY D 8 -34.94 -4.83 -20.82
CA GLY D 8 -34.23 -5.88 -21.56
C GLY D 8 -32.72 -5.75 -21.56
N HIS D 9 -32.17 -4.82 -20.76
CA HIS D 9 -30.72 -4.57 -20.70
C HIS D 9 -30.23 -4.65 -19.26
N HIS D 10 -28.94 -4.93 -19.09
CA HIS D 10 -28.29 -5.04 -17.77
C HIS D 10 -27.28 -3.92 -17.47
N SER D 11 -27.04 -3.04 -18.44
CA SER D 11 -26.08 -1.97 -18.27
C SER D 11 -26.25 -0.98 -19.40
N VAL D 12 -25.52 0.13 -19.32
CA VAL D 12 -25.43 1.10 -20.41
C VAL D 12 -23.97 1.27 -20.80
N THR D 13 -23.73 1.32 -22.11
CA THR D 13 -22.43 1.63 -22.67
C THR D 13 -22.52 3.07 -23.18
N GLY D 14 -21.78 3.96 -22.52
CA GLY D 14 -21.67 5.34 -22.92
C GLY D 14 -20.48 5.49 -23.81
N ARG D 15 -20.69 5.76 -25.09
CA ARG D 15 -19.60 5.80 -26.04
C ARG D 15 -19.41 7.21 -26.57
N PRO D 16 -18.31 7.87 -26.18
CA PRO D 16 -18.03 9.20 -26.74
C PRO D 16 -18.01 9.18 -28.28
N SER D 17 -18.76 10.09 -28.90
CA SER D 17 -18.84 10.20 -30.35
C SER D 17 -18.11 11.41 -30.94
N VAL D 18 -17.64 12.35 -30.09
CA VAL D 18 -16.92 13.53 -30.57
C VAL D 18 -15.41 13.36 -30.38
N ASN D 19 -14.98 13.08 -29.15
CA ASN D 19 -13.57 12.83 -28.89
C ASN D 19 -13.25 11.38 -29.29
N GLY D 20 -12.57 11.23 -30.42
CA GLY D 20 -12.27 9.92 -30.98
C GLY D 20 -11.18 9.15 -30.26
N LEU D 21 -10.49 9.81 -29.34
CA LEU D 21 -9.54 9.13 -28.46
C LEU D 21 -10.13 8.76 -27.10
N ALA D 22 -11.33 9.21 -26.78
CA ALA D 22 -11.96 8.90 -25.50
C ALA D 22 -12.58 7.52 -25.59
N LEU D 23 -12.27 6.68 -24.61
CA LEU D 23 -12.81 5.31 -24.58
C LEU D 23 -14.17 5.30 -23.87
N ALA D 24 -14.81 4.14 -23.86
CA ALA D 24 -16.18 4.05 -23.37
C ALA D 24 -16.25 4.12 -21.85
N GLU D 25 -17.44 4.48 -21.38
CA GLU D 25 -17.77 4.49 -19.96
C GLU D 25 -18.98 3.59 -19.81
N TYR D 26 -19.13 2.94 -18.67
CA TYR D 26 -20.19 1.96 -18.48
C TYR D 26 -20.92 2.19 -17.17
N VAL D 27 -22.23 1.90 -17.18
CA VAL D 27 -23.07 2.05 -15.99
C VAL D 27 -23.79 0.76 -15.71
N ILE D 28 -23.72 0.31 -14.46
CA ILE D 28 -24.54 -0.78 -13.94
C ILE D 28 -25.46 -0.23 -12.88
N TYR D 29 -26.58 -0.92 -12.66
CA TYR D 29 -27.62 -0.47 -11.74
C TYR D 29 -27.85 -1.45 -10.59
N ARG D 30 -26.95 -2.44 -10.48
CA ARG D 30 -26.96 -3.41 -9.41
C ARG D 30 -25.51 -3.52 -8.97
N GLY D 31 -25.24 -3.29 -7.69
CA GLY D 31 -23.88 -3.40 -7.16
C GLY D 31 -23.28 -4.78 -7.24
N GLU D 32 -24.13 -5.81 -7.30
CA GLU D 32 -23.68 -7.20 -7.45
C GLU D 32 -23.08 -7.52 -8.81
N GLN D 33 -23.22 -6.62 -9.79
CA GLN D 33 -22.59 -6.76 -11.10
C GLN D 33 -21.15 -6.27 -11.20
N ALA D 34 -20.53 -5.87 -10.08
CA ALA D 34 -19.10 -5.54 -10.10
C ALA D 34 -18.38 -6.15 -8.89
N TYR D 35 -17.12 -6.54 -9.10
CA TYR D 35 -16.27 -7.04 -8.01
C TYR D 35 -14.95 -6.25 -8.06
N PRO D 36 -14.52 -5.65 -6.92
CA PRO D 36 -13.31 -4.82 -6.91
C PRO D 36 -12.04 -5.64 -6.84
N GLU D 37 -11.60 -6.16 -7.97
CA GLU D 37 -10.56 -7.18 -8.01
CA GLU D 37 -10.56 -7.18 -8.01
C GLU D 37 -9.16 -6.70 -7.62
N TYR D 38 -8.78 -5.50 -8.07
CA TYR D 38 -7.45 -4.93 -7.77
C TYR D 38 -7.57 -3.54 -7.17
N LEU D 39 -6.75 -3.27 -6.15
CA LEU D 39 -6.62 -1.95 -5.55
C LEU D 39 -5.26 -1.41 -5.91
N ILE D 40 -5.23 -0.30 -6.62
CA ILE D 40 -4.02 0.27 -7.17
C ILE D 40 -3.71 1.57 -6.44
N THR D 41 -2.51 1.68 -5.87
CA THR D 41 -2.07 2.90 -5.17
C THR D 41 -1.02 3.58 -6.05
N TYR D 42 -1.16 4.88 -6.29
CA TYR D 42 -0.35 5.57 -7.29
C TYR D 42 -0.26 7.06 -7.02
N GLN D 43 0.66 7.70 -7.73
CA GLN D 43 0.71 9.14 -7.87
C GLN D 43 0.56 9.50 -9.34
N ILE D 44 -0.06 10.64 -9.63
CA ILE D 44 0.08 11.21 -10.97
C ILE D 44 1.47 11.83 -11.05
N MET D 45 2.09 11.80 -12.23
CA MET D 45 3.44 12.35 -12.43
C MET D 45 3.38 13.67 -13.17
N ARG D 46 4.13 14.66 -12.68
CA ARG D 46 4.23 15.97 -13.34
C ARG D 46 4.99 15.80 -14.67
N PRO D 47 4.38 16.24 -15.81
CA PRO D 47 5.11 16.18 -17.08
C PRO D 47 6.43 16.95 -17.04
N GLU D 48 7.43 16.45 -17.77
CA GLU D 48 8.75 17.09 -17.84
C GLU D 48 8.75 18.16 -18.91
S SO4 E . -0.85 -3.97 6.34
S SO4 E . -0.76 -3.38 6.41
O1 SO4 E . -0.69 -5.38 5.93
O1 SO4 E . -0.46 -1.94 6.66
O2 SO4 E . -1.18 -3.14 5.16
O2 SO4 E . -1.09 -3.61 4.98
O3 SO4 E . -1.91 -3.87 7.38
O3 SO4 E . -1.83 -3.84 7.31
O4 SO4 E . 0.42 -3.45 6.90
O4 SO4 E . 0.44 -4.21 6.66
S SO4 F . -3.19 -15.81 21.74
O1 SO4 F . -3.58 -15.09 20.52
O2 SO4 F . -1.75 -16.18 21.63
O3 SO4 F . -4.01 -17.03 21.85
O4 SO4 F . -3.38 -14.93 22.91
ZN ZN G . 9.91 -23.16 9.41
OAE 9C5 H . 16.49 -4.89 -0.70
OAE 9C5 H . 16.35 -7.70 0.15
CAD 9C5 H . 15.21 -5.41 -0.87
CAD 9C5 H . 15.51 -7.01 -0.75
CAC 9C5 H . 15.12 -6.35 0.28
CAC 9C5 H . 15.04 -5.75 -0.07
NAB 9C5 H . 15.50 -5.49 1.41
NAB 9C5 H . 15.30 -5.86 1.38
CAA 9C5 H . 16.92 -5.19 1.66
CAA 9C5 H . 16.56 -6.37 1.89
CAF 9C5 H . 14.60 -5.06 2.30
CAF 9C5 H . 14.43 -5.36 2.29
CAK 9C5 H . 13.34 -4.63 1.89
CAK 9C5 H . 13.17 -4.94 1.90
CAJ 9C5 H . 12.39 -4.19 2.81
CAJ 9C5 H . 12.27 -4.42 2.82
CAG 9C5 H . 14.89 -5.04 3.65
CAG 9C5 H . 14.80 -5.24 3.62
CAH 9C5 H . 13.95 -4.59 4.58
CAH 9C5 H . 13.89 -4.72 4.55
CAI 9C5 H . 12.67 -4.19 4.17
CAI 9C5 H . 12.61 -4.32 4.16
CAL 9C5 H . 11.76 -3.68 5.10
CAL 9C5 H . 11.73 -3.75 5.10
NAM 9C5 H . 10.77 -2.90 4.68
NAM 9C5 H . 10.74 -2.95 4.68
CAN 9C5 H . 9.90 -2.35 5.54
CAN 9C5 H . 9.91 -2.36 5.55
CAS 9C5 H . 8.88 -1.56 5.03
CAS 9C5 H . 8.89 -1.56 5.05
CAR 9C5 H . 7.98 -0.97 5.89
CAR 9C5 H . 8.03 -0.91 5.92
CAQ 9C5 H . 8.10 -1.15 7.27
CAQ 9C5 H . 8.19 -1.06 7.29
CAP 9C5 H . 9.13 -1.93 7.78
CAP 9C5 H . 9.21 -1.85 7.80
CAO 9C5 H . 10.04 -2.52 6.92
CAO 9C5 H . 10.08 -2.50 6.93
CAT 9C5 H . 11.06 -3.33 7.40
CAT 9C5 H . 11.11 -3.31 7.40
OAU 9C5 H . 11.23 -3.57 8.60
OAU 9C5 H . 11.31 -3.51 8.60
NAV 9C5 H . 11.94 -3.89 6.48
NAV 9C5 H . 11.94 -3.92 6.47
C1 GOL I . -4.84 -10.75 11.36
O1 GOL I . -5.57 -10.01 10.37
C2 GOL I . -3.46 -11.11 10.81
O2 GOL I . -2.51 -10.04 10.95
C3 GOL I . -2.93 -12.35 11.51
O3 GOL I . -2.52 -12.11 12.87
C1 GOL J . -7.33 8.98 11.03
O1 GOL J . -8.45 9.36 10.19
C2 GOL J . -7.01 7.49 10.98
O2 GOL J . -8.21 6.70 10.98
C3 GOL J . -6.13 7.16 9.75
O3 GOL J . -5.31 6.00 10.01
S SO4 K . -13.46 14.56 -20.59
S SO4 K . -13.27 14.73 -20.58
O1 SO4 K . -13.62 13.17 -20.13
O1 SO4 K . -13.18 13.72 -19.50
O2 SO4 K . -12.54 14.62 -21.73
O2 SO4 K . -12.28 14.72 -21.69
O3 SO4 K . -14.78 15.10 -20.97
O3 SO4 K . -14.49 15.58 -20.70
O4 SO4 K . -12.91 15.37 -19.47
O4 SO4 K . -14.04 13.72 -21.34
S SO4 L . 6.16 12.91 -19.05
O1 SO4 L . 6.44 11.72 -19.90
O2 SO4 L . 7.40 13.71 -18.88
O3 SO4 L . 5.66 12.46 -17.74
O4 SO4 L . 5.17 13.77 -19.73
ZN ZN M . -1.64 16.56 -1.76
OAE 9C5 N . -19.83 11.05 -4.14
OAE 9C5 N . -19.69 10.02 -3.05
CAD 9C5 N . -20.31 11.12 -5.45
CAD 9C5 N . -18.84 9.30 -3.88
CAC 9C5 N . -21.05 9.83 -5.64
CAC 9C5 N . -19.74 8.37 -4.65
NAB 9C5 N . -19.96 8.86 -5.86
NAB 9C5 N . -19.94 9.10 -5.94
CAA 9C5 N . -19.50 8.01 -4.75
CAA 9C5 N . -20.92 10.20 -5.97
CAF 9C5 N . -19.38 8.67 -7.05
CAF 9C5 N . -19.31 8.81 -7.12
CAK 9C5 N . -19.66 9.47 -8.15
CAK 9C5 N . -19.52 9.58 -8.29
CAJ 9C5 N . -19.03 9.22 -9.37
CAJ 9C5 N . -18.88 9.29 -9.50
CAG 9C5 N . -18.47 7.62 -7.18
CAG 9C5 N . -18.41 7.74 -7.24
CAH 9C5 N . -17.85 7.37 -8.40
CAH 9C5 N . -17.77 7.46 -8.44
CAI 9C5 N . -18.11 8.19 -9.49
CAI 9C5 N . -17.96 8.24 -9.59
CAL 9C5 N . -17.50 7.88 -10.71
CAL 9C5 N . -17.35 7.86 -10.80
NAM 9C5 N . -18.01 8.35 -11.86
NAM 9C5 N . -17.93 8.22 -11.97
CAN 9C5 N . -17.49 8.02 -13.04
CAN 9C5 N . -17.44 7.84 -13.17
CAS 9C5 N . -18.05 8.56 -14.19
CAS 9C5 N . -18.08 8.29 -14.33
CAR 9C5 N . -17.53 8.23 -15.43
CAR 9C5 N . -17.61 7.87 -15.57
CAQ 9C5 N . -16.44 7.38 -15.53
CAQ 9C5 N . -16.50 7.04 -15.68
CAP 9C5 N . -15.87 6.84 -14.37
CAP 9C5 N . -15.85 6.60 -14.52
CAO 9C5 N . -16.39 7.16 -13.13
CAO 9C5 N . -16.32 6.99 -13.26
CAT 9C5 N . -15.84 6.64 -11.96
CAT 9C5 N . -15.69 6.58 -12.07
OAU 9C5 N . -14.86 5.89 -11.98
OAU 9C5 N . -14.68 5.85 -12.04
NAV 9C5 N . -16.41 7.00 -10.75
NAV 9C5 N . -16.23 7.01 -10.85
C1 GOL O . -5.31 17.96 -20.72
O1 GOL O . -4.27 18.89 -21.08
C2 GOL O . -4.75 16.82 -19.89
O2 GOL O . -5.82 16.16 -19.20
C3 GOL O . -3.75 17.26 -18.83
O3 GOL O . -2.96 16.12 -18.50
#